data_4ODD
#
_entry.id   4ODD
#
_cell.length_a   39.600
_cell.length_b   74.430
_cell.length_c   167.350
_cell.angle_alpha   90.000
_cell.angle_beta   90.000
_cell.angle_gamma   90.000
#
_symmetry.space_group_name_H-M   'P 21 21 21'
#
_entity_poly.entity_id   1
_entity_poly.type   'polypeptide(L)'
_entity_poly.pdbx_seq_one_letter_code
;QLPLPNVLTQVSGPWKTLYVSSNNLDKIGENGPFRIYLRGINVDIPRLKMLFNFYVKVDGECVENSVGASIGRDNLIKGE
YNGGNYFRIIDMTPNALIGYDVNVDSKGKITKVALLMGRGAHVNEEDIAKFKKLSREKGIPEENIIYLGDTDNCPNHE
;
_entity_poly.pdbx_strand_id   B,A,C
#
# COMPACT_ATOMS: atom_id res chain seq x y z
N PRO A 5 -18.79 -40.49 -6.44
CA PRO A 5 -18.95 -39.05 -6.15
C PRO A 5 -17.96 -38.20 -6.95
N ASN A 6 -18.45 -37.64 -8.07
CA ASN A 6 -17.62 -36.97 -9.07
C ASN A 6 -16.41 -36.25 -8.52
N VAL A 7 -16.66 -35.36 -7.57
CA VAL A 7 -15.63 -34.55 -6.97
C VAL A 7 -14.47 -35.38 -6.43
N LEU A 8 -14.76 -36.35 -5.57
CA LEU A 8 -13.71 -37.14 -4.92
C LEU A 8 -12.75 -37.85 -5.89
N THR A 9 -13.22 -38.14 -7.10
CA THR A 9 -12.36 -38.86 -8.03
C THR A 9 -11.27 -37.95 -8.56
N GLN A 10 -11.70 -36.77 -9.01
CA GLN A 10 -10.86 -35.85 -9.75
C GLN A 10 -9.90 -35.03 -8.90
N VAL A 11 -9.94 -35.18 -7.59
CA VAL A 11 -9.21 -34.21 -6.75
C VAL A 11 -7.74 -34.57 -6.58
N SER A 12 -7.39 -35.82 -6.83
CA SER A 12 -6.03 -36.24 -6.63
C SER A 12 -5.08 -35.38 -7.44
N GLY A 13 -3.96 -35.04 -6.82
CA GLY A 13 -2.96 -34.21 -7.49
C GLY A 13 -2.53 -32.98 -6.70
N PRO A 14 -1.83 -32.08 -7.37
CA PRO A 14 -1.22 -30.96 -6.67
C PRO A 14 -2.26 -29.92 -6.29
N TRP A 15 -2.02 -29.21 -5.18
CA TRP A 15 -2.88 -28.11 -4.78
C TRP A 15 -2.04 -27.09 -4.05
N LYS A 16 -2.46 -25.83 -4.14
CA LYS A 16 -1.81 -24.75 -3.46
C LYS A 16 -2.89 -24.03 -2.63
N THR A 17 -2.54 -23.61 -1.41
CA THR A 17 -3.52 -22.90 -0.60
C THR A 17 -3.62 -21.45 -1.05
N LEU A 18 -4.83 -20.99 -1.30
CA LEU A 18 -5.07 -19.58 -1.62
C LEU A 18 -5.63 -18.82 -0.41
N TYR A 19 -6.77 -19.28 0.10
CA TYR A 19 -7.37 -18.63 1.25
C TYR A 19 -7.73 -19.64 2.32
N VAL A 20 -7.68 -19.18 3.57
CA VAL A 20 -8.22 -19.92 4.71
C VAL A 20 -8.98 -18.96 5.59
N SER A 21 -10.02 -19.48 6.25
CA SER A 21 -10.72 -18.71 7.26
C SER A 21 -11.01 -19.63 8.42
N SER A 22 -11.34 -19.04 9.57
CA SER A 22 -11.62 -19.82 10.75
C SER A 22 -12.41 -18.99 11.78
N ASN A 23 -13.17 -19.68 12.62
CA ASN A 23 -13.83 -19.03 13.74
C ASN A 23 -12.81 -18.69 14.83
N ASN A 24 -11.65 -19.35 14.76
CA ASN A 24 -10.56 -19.09 15.70
C ASN A 24 -9.29 -18.56 15.04
N LEU A 25 -9.17 -17.24 15.02
CA LEU A 25 -8.02 -16.58 14.41
C LEU A 25 -6.65 -17.15 14.80
N ASP A 26 -6.49 -17.56 16.05
CA ASP A 26 -5.22 -18.14 16.49
C ASP A 26 -4.81 -19.36 15.64
N LYS A 27 -5.80 -20.16 15.24
CA LYS A 27 -5.56 -21.42 14.55
C LYS A 27 -4.91 -21.28 13.18
N ILE A 28 -5.24 -20.21 12.47
CA ILE A 28 -4.72 -19.98 11.14
C ILE A 28 -3.75 -18.81 11.12
N GLY A 29 -3.47 -18.28 12.31
CA GLY A 29 -2.55 -17.17 12.44
C GLY A 29 -1.13 -17.70 12.36
N GLU A 30 -0.15 -16.83 12.56
CA GLU A 30 1.24 -17.27 12.55
C GLU A 30 1.46 -18.31 13.64
N ASN A 31 2.02 -19.44 13.24
CA ASN A 31 2.22 -20.56 14.14
C ASN A 31 0.96 -21.34 14.46
N GLY A 32 -0.15 -21.01 13.80
CA GLY A 32 -1.37 -21.79 13.92
C GLY A 32 -1.26 -23.07 13.10
N PRO A 33 -1.82 -24.17 13.60
CA PRO A 33 -1.67 -25.47 12.93
C PRO A 33 -2.52 -25.55 11.67
N PHE A 34 -3.40 -24.58 11.45
CA PHE A 34 -4.23 -24.62 10.27
C PHE A 34 -3.86 -23.54 9.28
N ARG A 35 -2.73 -22.89 9.55
CA ARG A 35 -2.07 -22.09 8.53
C ARG A 35 -1.37 -23.07 7.57
N ILE A 36 -2.17 -23.69 6.72
CA ILE A 36 -1.76 -24.85 5.94
C ILE A 36 -1.37 -24.50 4.51
N TYR A 37 -0.18 -24.93 4.11
CA TYR A 37 0.21 -24.75 2.73
C TYR A 37 0.15 -26.08 2.03
N LEU A 38 -0.89 -26.25 1.23
CA LEU A 38 -1.05 -27.50 0.51
C LEU A 38 0.02 -27.73 -0.51
N ARG A 39 0.35 -29.00 -0.66
CA ARG A 39 1.21 -29.42 -1.76
C ARG A 39 0.43 -30.35 -2.67
N GLY A 40 -0.28 -31.30 -2.07
CA GLY A 40 -1.10 -32.19 -2.87
C GLY A 40 -2.04 -33.09 -2.10
N ILE A 41 -2.96 -33.69 -2.83
CA ILE A 41 -3.86 -34.65 -2.23
C ILE A 41 -3.90 -35.96 -3.02
N ASN A 42 -3.93 -37.06 -2.30
CA ASN A 42 -3.98 -38.40 -2.89
C ASN A 42 -5.21 -39.13 -2.45
N VAL A 43 -6.04 -39.53 -3.41
CA VAL A 43 -7.19 -40.39 -3.12
C VAL A 43 -6.91 -41.86 -3.46
N ASP A 44 -6.99 -42.74 -2.46
CA ASP A 44 -6.86 -44.17 -2.68
C ASP A 44 -8.25 -44.79 -2.66
N ILE A 45 -8.91 -44.65 -3.81
CA ILE A 45 -10.34 -44.89 -4.01
C ILE A 45 -10.84 -46.29 -3.64
N PRO A 46 -10.04 -47.32 -3.94
CA PRO A 46 -10.38 -48.66 -3.42
C PRO A 46 -10.31 -48.75 -1.89
N ARG A 47 -9.18 -48.40 -1.31
CA ARG A 47 -8.96 -48.47 0.14
C ARG A 47 -9.77 -47.42 0.97
N LEU A 48 -10.56 -46.60 0.27
CA LEU A 48 -11.26 -45.46 0.89
C LEU A 48 -10.41 -44.58 1.81
N LYS A 49 -9.19 -44.26 1.37
CA LYS A 49 -8.25 -43.47 2.15
C LYS A 49 -7.82 -42.21 1.39
N MET A 50 -7.51 -41.13 2.10
CA MET A 50 -6.96 -39.93 1.48
C MET A 50 -5.67 -39.55 2.15
N LEU A 51 -4.76 -38.96 1.38
CA LEU A 51 -3.55 -38.42 1.96
C LEU A 51 -3.43 -36.91 1.64
N PHE A 52 -3.33 -36.10 2.67
CA PHE A 52 -3.09 -34.67 2.48
C PHE A 52 -1.63 -34.35 2.74
N ASN A 53 -0.99 -33.76 1.74
CA ASN A 53 0.40 -33.38 1.88
C ASN A 53 0.51 -31.86 1.88
N PHE A 54 1.16 -31.31 2.91
CA PHE A 54 1.19 -29.87 3.08
C PHE A 54 2.25 -29.42 4.07
N TYR A 55 2.53 -28.12 4.06
CA TYR A 55 3.48 -27.54 5.02
C TYR A 55 2.77 -26.63 6.03
N VAL A 56 3.26 -26.64 7.25
CA VAL A 56 2.92 -25.63 8.24
C VAL A 56 4.21 -24.99 8.70
N LYS A 57 4.16 -23.69 9.00
CA LYS A 57 5.30 -23.02 9.61
C LYS A 57 5.25 -23.30 11.11
N VAL A 58 6.26 -24.01 11.62
CA VAL A 58 6.33 -24.31 13.04
C VAL A 58 7.54 -23.64 13.68
N ASP A 59 7.29 -22.52 14.36
CA ASP A 59 8.35 -21.70 14.94
C ASP A 59 9.25 -21.17 13.84
N GLY A 60 8.63 -20.59 12.81
CA GLY A 60 9.33 -20.05 11.66
C GLY A 60 9.98 -21.09 10.77
N GLU A 61 9.68 -22.36 10.99
CA GLU A 61 10.33 -23.47 10.30
C GLU A 61 9.36 -24.35 9.47
N CYS A 62 9.69 -24.58 8.20
CA CYS A 62 8.78 -25.30 7.31
C CYS A 62 8.76 -26.78 7.62
N VAL A 63 7.59 -27.28 8.02
CA VAL A 63 7.43 -28.68 8.37
C VAL A 63 6.44 -29.36 7.46
N GLU A 64 6.93 -30.37 6.74
CA GLU A 64 6.08 -31.13 5.83
C GLU A 64 5.20 -32.09 6.60
N ASN A 65 3.96 -32.24 6.13
CA ASN A 65 2.99 -33.18 6.71
C ASN A 65 2.41 -34.07 5.65
N SER A 66 2.12 -35.31 6.05
CA SER A 66 1.40 -36.25 5.21
C SER A 66 0.36 -36.97 6.06
N VAL A 67 -0.88 -36.48 5.99
CA VAL A 67 -1.90 -36.92 6.92
C VAL A 67 -2.88 -37.87 6.26
N GLY A 68 -3.07 -39.03 6.89
CA GLY A 68 -4.00 -40.04 6.40
C GLY A 68 -5.40 -39.81 6.92
N ALA A 69 -6.38 -40.16 6.10
CA ALA A 69 -7.77 -39.93 6.46
C ALA A 69 -8.57 -41.01 5.79
N SER A 70 -9.74 -41.30 6.32
CA SER A 70 -10.60 -42.29 5.68
C SER A 70 -11.81 -41.59 5.09
N ILE A 71 -12.28 -42.08 3.95
CA ILE A 71 -13.54 -41.58 3.41
C ILE A 71 -14.67 -42.46 3.92
N GLY A 72 -15.57 -41.86 4.69
CA GLY A 72 -16.68 -42.61 5.25
C GLY A 72 -17.91 -42.53 4.37
N ARG A 73 -19.06 -42.76 4.99
CA ARG A 73 -20.32 -42.71 4.27
C ARG A 73 -20.74 -41.27 4.05
N ASP A 74 -21.41 -41.03 2.93
CA ASP A 74 -21.83 -39.69 2.53
C ASP A 74 -20.62 -38.78 2.42
N ASN A 75 -19.46 -39.39 2.21
CA ASN A 75 -18.25 -38.67 1.81
C ASN A 75 -17.63 -37.76 2.87
N LEU A 76 -17.75 -38.14 4.13
CA LEU A 76 -17.13 -37.37 5.17
C LEU A 76 -15.72 -37.89 5.40
N ILE A 77 -14.73 -37.01 5.26
CA ILE A 77 -13.36 -37.43 5.43
C ILE A 77 -12.91 -37.15 6.83
N LYS A 78 -12.39 -38.17 7.49
CA LYS A 78 -12.08 -38.13 8.91
C LYS A 78 -10.61 -38.50 9.07
N GLY A 79 -9.88 -37.70 9.84
CA GLY A 79 -8.47 -37.97 10.01
C GLY A 79 -7.88 -37.19 11.16
N GLU A 80 -6.77 -37.71 11.72
CA GLU A 80 -6.15 -37.08 12.86
C GLU A 80 -5.05 -36.14 12.42
N TYR A 81 -5.10 -34.93 12.96
CA TYR A 81 -4.05 -33.95 12.79
C TYR A 81 -4.46 -32.83 13.73
N ASN A 82 -3.64 -32.59 14.76
CA ASN A 82 -3.98 -31.60 15.76
C ASN A 82 -5.38 -31.88 16.29
N GLY A 83 -5.69 -33.14 16.57
CA GLY A 83 -7.01 -33.51 17.04
C GLY A 83 -7.79 -34.24 15.97
N GLY A 84 -9.10 -34.36 16.18
CA GLY A 84 -9.98 -35.02 15.24
C GLY A 84 -10.47 -34.04 14.20
N ASN A 85 -10.58 -34.51 12.97
CA ASN A 85 -11.01 -33.66 11.88
C ASN A 85 -12.12 -34.33 11.08
N TYR A 86 -13.15 -33.56 10.77
CA TYR A 86 -14.25 -34.00 9.95
C TYR A 86 -14.29 -33.05 8.77
N PHE A 87 -13.90 -33.59 7.61
CA PHE A 87 -13.59 -32.78 6.46
C PHE A 87 -14.51 -33.07 5.29
N ARG A 88 -14.79 -32.04 4.49
CA ARG A 88 -15.63 -32.19 3.34
C ARG A 88 -15.14 -31.31 2.21
N ILE A 89 -15.16 -31.85 0.99
CA ILE A 89 -14.98 -31.01 -0.18
C ILE A 89 -16.33 -30.38 -0.47
N ILE A 90 -16.38 -29.06 -0.47
CA ILE A 90 -17.62 -28.36 -0.75
C ILE A 90 -17.84 -28.23 -2.27
N ASP A 91 -16.75 -28.10 -3.02
CA ASP A 91 -16.86 -27.76 -4.44
C ASP A 91 -15.54 -27.96 -5.18
N MET A 92 -15.61 -28.36 -6.44
CA MET A 92 -14.40 -28.47 -7.25
C MET A 92 -14.59 -28.07 -8.70
N THR A 93 -13.73 -27.16 -9.18
CA THR A 93 -13.55 -26.88 -10.59
C THR A 93 -12.22 -27.54 -10.95
N PRO A 94 -11.74 -27.39 -12.20
CA PRO A 94 -10.45 -28.03 -12.51
C PRO A 94 -9.28 -27.17 -12.00
N ASN A 95 -9.58 -25.89 -11.82
CA ASN A 95 -8.65 -24.92 -11.27
C ASN A 95 -8.76 -24.77 -9.75
N ALA A 96 -9.91 -25.12 -9.18
CA ALA A 96 -10.15 -24.78 -7.77
C ALA A 96 -10.71 -25.90 -6.87
N LEU A 97 -10.66 -25.67 -5.56
CA LEU A 97 -11.07 -26.65 -4.57
C LEU A 97 -11.48 -25.94 -3.28
N ILE A 98 -12.72 -26.11 -2.86
CA ILE A 98 -13.16 -25.53 -1.59
C ILE A 98 -13.40 -26.63 -0.54
N GLY A 99 -12.67 -26.53 0.57
CA GLY A 99 -12.80 -27.50 1.62
C GLY A 99 -13.36 -26.90 2.90
N TYR A 100 -14.01 -27.73 3.71
CA TYR A 100 -14.48 -27.30 5.01
C TYR A 100 -14.15 -28.35 6.05
N ASP A 101 -13.33 -27.96 7.03
CA ASP A 101 -12.95 -28.86 8.10
C ASP A 101 -13.62 -28.49 9.41
N VAL A 102 -13.94 -29.50 10.21
CA VAL A 102 -14.32 -29.25 11.58
C VAL A 102 -13.28 -29.94 12.43
N ASN A 103 -12.58 -29.18 13.24
CA ASN A 103 -11.55 -29.73 14.08
C ASN A 103 -11.99 -29.75 15.52
N VAL A 104 -11.56 -30.81 16.20
CA VAL A 104 -11.86 -30.96 17.61
C VAL A 104 -10.59 -31.39 18.37
N ASP A 105 -10.18 -30.60 19.37
CA ASP A 105 -9.01 -30.99 20.16
C ASP A 105 -9.36 -31.89 21.36
N SER A 106 -8.38 -32.20 22.19
CA SER A 106 -8.54 -33.08 23.34
C SER A 106 -9.56 -32.58 24.36
N LYS A 107 -9.54 -31.29 24.64
CA LYS A 107 -10.49 -30.70 25.58
C LYS A 107 -11.85 -30.48 24.90
N GLY A 108 -11.99 -30.97 23.68
CA GLY A 108 -13.24 -30.81 22.94
C GLY A 108 -13.52 -29.46 22.27
N LYS A 109 -12.54 -28.54 22.22
CA LYS A 109 -12.76 -27.28 21.52
C LYS A 109 -12.96 -27.46 20.01
N ILE A 110 -13.82 -26.63 19.44
CA ILE A 110 -14.24 -26.77 18.05
C ILE A 110 -13.76 -25.63 17.17
N THR A 111 -13.01 -25.98 16.13
CA THR A 111 -12.43 -25.00 15.21
C THR A 111 -12.97 -25.29 13.82
N LYS A 112 -13.67 -24.31 13.25
CA LYS A 112 -14.13 -24.41 11.88
C LYS A 112 -13.07 -23.82 10.96
N VAL A 113 -12.75 -24.51 9.86
CA VAL A 113 -11.74 -24.01 8.93
C VAL A 113 -12.21 -24.14 7.51
N ALA A 114 -12.21 -23.03 6.78
CA ALA A 114 -12.58 -23.06 5.37
C ALA A 114 -11.34 -22.83 4.46
N LEU A 115 -11.23 -23.58 3.37
CA LEU A 115 -10.08 -23.43 2.48
C LEU A 115 -10.43 -23.32 1.02
N LEU A 116 -9.78 -22.36 0.36
CA LEU A 116 -9.81 -22.26 -1.08
C LEU A 116 -8.43 -22.69 -1.56
N MET A 117 -8.40 -23.74 -2.35
CA MET A 117 -7.14 -24.26 -2.83
C MET A 117 -7.14 -24.17 -4.33
N GLY A 118 -5.99 -23.82 -4.90
CA GLY A 118 -5.90 -23.64 -6.34
C GLY A 118 -5.01 -24.66 -7.00
N ARG A 119 -5.29 -24.92 -8.27
CA ARG A 119 -4.44 -25.70 -9.14
C ARG A 119 -3.70 -24.69 -10.02
N GLY A 120 -2.54 -24.21 -9.59
CA GLY A 120 -1.76 -23.29 -10.39
C GLY A 120 -1.98 -21.80 -10.17
N ALA A 121 -2.45 -21.09 -11.20
CA ALA A 121 -2.71 -19.65 -11.11
C ALA A 121 -4.06 -19.27 -11.73
N HIS A 122 -4.13 -18.06 -12.30
CA HIS A 122 -5.30 -17.58 -13.03
C HIS A 122 -6.64 -17.89 -12.34
N VAL A 123 -6.64 -17.79 -11.02
CA VAL A 123 -7.76 -18.23 -10.19
C VAL A 123 -9.10 -17.52 -10.46
N ASN A 124 -10.13 -18.32 -10.74
CA ASN A 124 -11.48 -17.80 -11.02
C ASN A 124 -12.01 -16.91 -9.90
N GLU A 125 -12.18 -15.63 -10.20
CA GLU A 125 -12.71 -14.68 -9.21
C GLU A 125 -14.08 -15.10 -8.66
N GLU A 126 -14.81 -15.89 -9.43
CA GLU A 126 -16.11 -16.40 -9.02
C GLU A 126 -15.93 -17.37 -7.88
N ASP A 127 -14.95 -18.26 -8.03
CA ASP A 127 -14.49 -19.13 -6.97
C ASP A 127 -14.35 -18.38 -5.63
N ILE A 128 -13.65 -17.25 -5.64
CA ILE A 128 -13.55 -16.45 -4.43
C ILE A 128 -14.90 -16.21 -3.75
N ALA A 129 -15.91 -15.86 -4.56
CA ALA A 129 -17.24 -15.62 -4.02
C ALA A 129 -17.78 -16.86 -3.31
N LYS A 130 -17.72 -17.99 -4.00
CA LYS A 130 -18.21 -19.27 -3.45
C LYS A 130 -17.52 -19.54 -2.13
N PHE A 131 -16.24 -19.21 -2.06
CA PHE A 131 -15.50 -19.38 -0.83
C PHE A 131 -16.07 -18.50 0.28
N LYS A 132 -16.10 -17.19 0.04
CA LYS A 132 -16.60 -16.26 1.06
C LYS A 132 -18.04 -16.60 1.47
N LYS A 133 -18.82 -16.99 0.47
CA LYS A 133 -20.17 -17.47 0.73
C LYS A 133 -20.13 -18.58 1.77
N LEU A 134 -19.39 -19.66 1.47
CA LEU A 134 -19.26 -20.77 2.41
C LEU A 134 -18.83 -20.29 3.78
N SER A 135 -17.76 -19.50 3.79
CA SER A 135 -17.23 -18.99 5.04
C SER A 135 -18.36 -18.32 5.83
N ARG A 136 -19.12 -17.47 5.14
CA ARG A 136 -20.25 -16.82 5.78
C ARG A 136 -21.25 -17.85 6.32
N GLU A 137 -21.64 -18.80 5.47
CA GLU A 137 -22.65 -19.79 5.84
C GLU A 137 -22.30 -20.49 7.15
N LYS A 138 -21.03 -20.84 7.30
CA LYS A 138 -20.59 -21.58 8.47
C LYS A 138 -20.29 -20.67 9.65
N GLY A 139 -20.73 -19.42 9.57
CA GLY A 139 -20.66 -18.51 10.69
C GLY A 139 -19.29 -17.93 10.99
N ILE A 140 -18.43 -17.94 9.98
CA ILE A 140 -17.10 -17.36 10.12
C ILE A 140 -17.14 -15.89 9.72
N PRO A 141 -16.59 -15.03 10.59
CA PRO A 141 -16.50 -13.58 10.37
C PRO A 141 -15.61 -13.27 9.18
N GLU A 142 -16.05 -12.36 8.33
CA GLU A 142 -15.29 -12.02 7.13
C GLU A 142 -13.87 -11.50 7.42
N GLU A 143 -13.66 -10.94 8.62
CA GLU A 143 -12.34 -10.47 9.01
C GLU A 143 -11.40 -11.63 9.35
N ASN A 144 -11.96 -12.81 9.52
CA ASN A 144 -11.15 -13.98 9.82
C ASN A 144 -10.66 -14.68 8.56
N ILE A 145 -10.78 -14.00 7.42
CA ILE A 145 -10.28 -14.53 6.17
C ILE A 145 -8.84 -14.11 5.92
N ILE A 146 -7.98 -15.06 5.56
CA ILE A 146 -6.57 -14.78 5.31
C ILE A 146 -6.11 -15.30 3.95
N TYR A 147 -5.38 -14.47 3.22
CA TYR A 147 -4.82 -14.87 1.93
C TYR A 147 -3.42 -15.45 2.15
N LEU A 148 -3.19 -16.68 1.68
CA LEU A 148 -1.91 -17.34 1.91
C LEU A 148 -1.19 -17.55 0.61
N GLY A 149 -1.86 -17.21 -0.48
CA GLY A 149 -1.30 -17.32 -1.82
C GLY A 149 0.09 -16.73 -2.04
N ASP A 150 0.44 -15.70 -1.27
CA ASP A 150 1.70 -14.99 -1.52
C ASP A 150 2.76 -15.15 -0.42
N THR A 151 2.49 -16.03 0.55
CA THR A 151 3.43 -16.25 1.64
C THR A 151 3.93 -17.70 1.68
N ASP A 152 3.72 -18.41 0.57
CA ASP A 152 4.13 -19.80 0.50
C ASP A 152 5.61 -19.89 0.16
N ASN A 153 6.46 -19.75 1.17
CA ASN A 153 7.89 -19.75 0.97
C ASN A 153 8.51 -21.10 1.29
N CYS A 154 7.67 -22.12 1.46
CA CYS A 154 8.16 -23.45 1.80
C CYS A 154 8.58 -24.24 0.56
N PRO A 155 9.41 -25.29 0.75
CA PRO A 155 9.97 -26.06 -0.37
C PRO A 155 8.90 -26.52 -1.35
N ASN A 156 9.17 -26.36 -2.64
CA ASN A 156 8.28 -26.84 -3.69
C ASN A 156 6.99 -26.05 -3.84
N THR B 9 -11.54 -5.23 2.77
CA THR B 9 -11.76 -4.89 1.37
C THR B 9 -11.73 -6.15 0.51
N GLN B 10 -12.32 -6.03 -0.68
CA GLN B 10 -12.41 -7.13 -1.60
C GLN B 10 -11.17 -7.27 -2.47
N VAL B 11 -10.08 -6.60 -2.07
CA VAL B 11 -8.89 -6.56 -2.91
C VAL B 11 -7.74 -7.43 -2.41
N SER B 12 -7.99 -8.23 -1.39
CA SER B 12 -7.01 -9.22 -0.94
C SER B 12 -6.90 -10.36 -1.94
N GLY B 13 -5.68 -10.86 -2.14
CA GLY B 13 -5.45 -11.95 -3.06
C GLY B 13 -4.39 -11.69 -4.12
N PRO B 14 -4.31 -12.58 -5.11
CA PRO B 14 -3.25 -12.49 -6.12
C PRO B 14 -3.49 -11.34 -7.08
N TRP B 15 -2.41 -10.77 -7.59
CA TRP B 15 -2.49 -9.74 -8.61
C TRP B 15 -1.29 -9.85 -9.50
N LYS B 16 -1.48 -9.50 -10.77
CA LYS B 16 -0.40 -9.40 -11.74
C LYS B 16 -0.32 -7.96 -12.28
N THR B 17 0.88 -7.43 -12.49
CA THR B 17 1.00 -6.09 -13.02
C THR B 17 0.82 -6.11 -14.52
N LEU B 18 -0.09 -5.29 -15.02
CA LEU B 18 -0.29 -5.18 -16.47
C LEU B 18 0.37 -3.93 -17.03
N TYR B 19 0.00 -2.77 -16.49
CA TYR B 19 0.59 -1.53 -16.94
C TYR B 19 1.05 -0.68 -15.78
N VAL B 20 2.14 0.06 -15.99
CA VAL B 20 2.55 1.14 -15.08
C VAL B 20 2.90 2.39 -15.89
N SER B 21 2.66 3.55 -15.29
CA SER B 21 3.06 4.80 -15.89
C SER B 21 3.60 5.67 -14.78
N SER B 22 4.36 6.69 -15.16
CA SER B 22 4.97 7.57 -14.17
C SER B 22 5.38 8.89 -14.81
N ASN B 23 5.46 9.93 -13.99
CA ASN B 23 6.00 11.19 -14.44
C ASN B 23 7.52 11.10 -14.58
N ASN B 24 8.10 10.07 -13.97
CA ASN B 24 9.54 9.86 -14.03
C ASN B 24 9.96 8.54 -14.66
N LEU B 25 10.23 8.56 -15.97
CA LEU B 25 10.51 7.35 -16.70
C LEU B 25 11.56 6.47 -16.05
N ASP B 26 12.54 7.08 -15.41
CA ASP B 26 13.63 6.32 -14.80
C ASP B 26 13.11 5.36 -13.76
N LYS B 27 12.05 5.78 -13.06
CA LYS B 27 11.49 5.06 -11.91
C LYS B 27 10.81 3.72 -12.26
N ILE B 28 10.24 3.66 -13.45
CA ILE B 28 9.61 2.44 -13.92
C ILE B 28 10.39 1.81 -15.06
N GLY B 29 11.55 2.38 -15.38
CA GLY B 29 12.39 1.83 -16.43
C GLY B 29 13.14 0.62 -15.92
N GLU B 30 14.01 0.05 -16.75
CA GLU B 30 14.81 -1.07 -16.29
C GLU B 30 15.61 -0.65 -15.08
N ASN B 31 15.56 -1.47 -14.04
CA ASN B 31 16.22 -1.16 -12.77
C ASN B 31 15.58 -0.04 -11.96
N GLY B 32 14.40 0.41 -12.38
CA GLY B 32 13.61 1.36 -11.61
C GLY B 32 12.87 0.63 -10.49
N PRO B 33 12.78 1.27 -9.32
CA PRO B 33 12.16 0.62 -8.14
C PRO B 33 10.63 0.51 -8.24
N PHE B 34 10.05 1.18 -9.23
CA PHE B 34 8.63 1.06 -9.45
C PHE B 34 8.26 0.23 -10.70
N ARG B 35 9.28 -0.43 -11.28
CA ARG B 35 9.02 -1.48 -12.26
C ARG B 35 8.61 -2.72 -11.46
N ILE B 36 7.35 -2.72 -11.00
CA ILE B 36 6.84 -3.62 -9.97
C ILE B 36 6.05 -4.78 -10.56
N TYR B 37 6.46 -5.99 -10.22
CA TYR B 37 5.67 -7.16 -10.60
C TYR B 37 4.88 -7.67 -9.39
N LEU B 38 3.60 -7.34 -9.37
CA LEU B 38 2.76 -7.79 -8.29
C LEU B 38 2.64 -9.30 -8.22
N ARG B 39 2.59 -9.80 -6.99
CA ARG B 39 2.23 -11.19 -6.75
C ARG B 39 0.90 -11.24 -6.04
N GLY B 40 0.74 -10.42 -5.00
CA GLY B 40 -0.52 -10.34 -4.30
C GLY B 40 -0.62 -9.27 -3.25
N ILE B 41 -1.85 -9.06 -2.78
CA ILE B 41 -2.10 -8.09 -1.73
C ILE B 41 -2.88 -8.68 -0.56
N ASN B 42 -2.48 -8.31 0.65
CA ASN B 42 -3.14 -8.78 1.87
C ASN B 42 -3.68 -7.61 2.68
N VAL B 43 -4.98 -7.60 2.91
CA VAL B 43 -5.61 -6.59 3.76
C VAL B 43 -5.88 -7.18 5.15
N ASP B 44 -5.36 -6.54 6.19
CA ASP B 44 -5.65 -6.92 7.57
C ASP B 44 -6.52 -5.83 8.22
N ILE B 45 -7.83 -5.84 7.99
CA ILE B 45 -8.69 -4.72 8.46
C ILE B 45 -8.73 -4.42 9.97
N PRO B 46 -8.88 -5.45 10.81
CA PRO B 46 -8.82 -5.16 12.25
C PRO B 46 -7.58 -4.33 12.59
N ARG B 47 -6.42 -4.81 12.17
CA ARG B 47 -5.15 -4.12 12.38
C ARG B 47 -5.02 -2.77 11.64
N LEU B 48 -5.71 -2.65 10.52
CA LEU B 48 -5.67 -1.46 9.67
C LEU B 48 -4.41 -1.44 8.76
N LYS B 49 -3.97 -2.63 8.35
CA LYS B 49 -2.70 -2.81 7.68
C LYS B 49 -2.86 -3.48 6.30
N MET B 50 -1.95 -3.16 5.37
CA MET B 50 -1.90 -3.84 4.08
C MET B 50 -0.51 -4.38 3.82
N LEU B 51 -0.42 -5.49 3.10
CA LEU B 51 0.86 -6.03 2.69
C LEU B 51 0.88 -6.20 1.18
N PHE B 52 1.87 -5.58 0.53
CA PHE B 52 2.04 -5.72 -0.90
C PHE B 52 3.19 -6.67 -1.13
N ASN B 53 2.93 -7.70 -1.91
CA ASN B 53 3.95 -8.67 -2.26
C ASN B 53 4.21 -8.57 -3.76
N PHE B 54 5.48 -8.42 -4.11
CA PHE B 54 5.86 -8.19 -5.51
C PHE B 54 7.35 -8.36 -5.77
N TYR B 55 7.70 -8.49 -7.04
CA TYR B 55 9.10 -8.56 -7.44
C TYR B 55 9.54 -7.28 -8.18
N VAL B 56 10.78 -6.88 -7.94
CA VAL B 56 11.45 -5.89 -8.79
C VAL B 56 12.70 -6.55 -9.32
N LYS B 57 13.05 -6.25 -10.58
CA LYS B 57 14.32 -6.69 -11.14
C LYS B 57 15.38 -5.73 -10.61
N VAL B 58 16.43 -6.28 -10.00
CA VAL B 58 17.58 -5.49 -9.59
C VAL B 58 18.85 -6.04 -10.25
N ASP B 59 19.18 -5.48 -11.41
CA ASP B 59 20.36 -5.86 -12.18
C ASP B 59 20.21 -7.25 -12.82
N GLY B 60 19.02 -7.54 -13.32
CA GLY B 60 18.72 -8.84 -13.90
C GLY B 60 18.52 -9.89 -12.83
N GLU B 61 18.22 -9.42 -11.62
CA GLU B 61 17.96 -10.29 -10.47
C GLU B 61 16.56 -10.05 -9.95
N CYS B 62 15.79 -11.13 -9.77
CA CYS B 62 14.45 -11.01 -9.22
C CYS B 62 14.49 -10.95 -7.70
N VAL B 63 14.01 -9.84 -7.16
CA VAL B 63 13.98 -9.62 -5.71
C VAL B 63 12.56 -9.48 -5.18
N GLU B 64 12.17 -10.39 -4.31
CA GLU B 64 10.84 -10.38 -3.75
C GLU B 64 10.74 -9.31 -2.68
N ASN B 65 9.60 -8.63 -2.64
CA ASN B 65 9.32 -7.66 -1.60
C ASN B 65 8.01 -7.97 -0.89
N SER B 66 7.97 -7.64 0.39
CA SER B 66 6.73 -7.68 1.15
C SER B 66 6.64 -6.41 1.97
N VAL B 67 5.89 -5.45 1.49
CA VAL B 67 5.87 -4.12 2.08
C VAL B 67 4.61 -3.83 2.87
N GLY B 68 4.81 -3.42 4.12
CA GLY B 68 3.74 -3.11 5.04
C GLY B 68 3.27 -1.69 4.89
N ALA B 69 1.96 -1.49 5.03
CA ALA B 69 1.38 -0.17 4.88
C ALA B 69 0.21 -0.05 5.84
N SER B 70 -0.12 1.17 6.23
CA SER B 70 -1.27 1.36 7.10
C SER B 70 -2.40 2.02 6.34
N ILE B 71 -3.63 1.72 6.75
CA ILE B 71 -4.79 2.30 6.14
C ILE B 71 -5.22 3.50 6.99
N GLY B 72 -4.90 4.69 6.51
CA GLY B 72 -5.24 5.90 7.24
C GLY B 72 -6.70 6.26 7.03
N ARG B 73 -7.11 7.37 7.64
CA ARG B 73 -8.46 7.87 7.39
C ARG B 73 -8.61 8.05 5.89
N ASP B 74 -9.84 8.00 5.40
CA ASP B 74 -10.11 8.20 3.98
C ASP B 74 -9.53 7.06 3.13
N ASN B 75 -9.05 6.02 3.81
CA ASN B 75 -8.46 4.88 3.13
C ASN B 75 -7.30 5.27 2.22
N LEU B 76 -6.48 6.18 2.71
CA LEU B 76 -5.23 6.50 2.05
C LEU B 76 -4.17 5.57 2.62
N ILE B 77 -3.46 4.89 1.72
CA ILE B 77 -2.52 3.86 2.14
C ILE B 77 -1.08 4.36 2.18
N LYS B 78 -0.52 4.40 3.39
CA LYS B 78 0.81 4.95 3.61
C LYS B 78 1.80 3.86 4.01
N GLY B 79 2.89 3.76 3.25
CA GLY B 79 3.95 2.85 3.61
C GLY B 79 5.30 3.37 3.16
N GLU B 80 6.36 2.81 3.72
CA GLU B 80 7.68 3.20 3.31
C GLU B 80 8.18 2.18 2.33
N TYR B 81 8.64 2.68 1.20
CA TYR B 81 9.26 1.86 0.19
C TYR B 81 9.92 2.83 -0.74
N ASN B 82 11.25 2.80 -0.80
CA ASN B 82 12.01 3.79 -1.53
C ASN B 82 11.49 5.18 -1.22
N GLY B 83 11.42 5.46 0.07
CA GLY B 83 10.83 6.70 0.53
C GLY B 83 9.40 6.51 0.96
N GLY B 84 8.69 7.62 1.04
CA GLY B 84 7.35 7.60 1.55
C GLY B 84 6.39 7.40 0.40
N ASN B 85 5.31 6.67 0.67
CA ASN B 85 4.32 6.37 -0.34
C ASN B 85 2.92 6.65 0.15
N TYR B 86 2.18 7.36 -0.68
CA TYR B 86 0.80 7.66 -0.39
C TYR B 86 -0.02 7.05 -1.52
N PHE B 87 -0.72 5.98 -1.18
CA PHE B 87 -1.29 5.10 -2.19
C PHE B 87 -2.81 5.06 -2.11
N ARG B 88 -3.45 5.05 -3.26
CA ARG B 88 -4.91 4.95 -3.35
C ARG B 88 -5.31 3.92 -4.39
N ILE B 89 -6.33 3.11 -4.09
CA ILE B 89 -6.98 2.31 -5.09
C ILE B 89 -7.94 3.22 -5.81
N ILE B 90 -7.71 3.45 -7.08
CA ILE B 90 -8.57 4.33 -7.84
C ILE B 90 -9.83 3.57 -8.23
N ASP B 91 -9.66 2.29 -8.57
CA ASP B 91 -10.78 1.46 -9.00
C ASP B 91 -10.48 -0.03 -8.91
N MET B 92 -11.55 -0.83 -8.86
CA MET B 92 -11.42 -2.27 -8.89
C MET B 92 -12.68 -2.90 -9.51
N THR B 93 -12.52 -3.56 -10.66
CA THR B 93 -13.54 -4.49 -11.17
C THR B 93 -13.12 -5.88 -10.69
N PRO B 94 -13.99 -6.89 -10.84
CA PRO B 94 -13.63 -8.20 -10.28
C PRO B 94 -12.27 -8.72 -10.78
N ASN B 95 -11.95 -8.45 -12.05
CA ASN B 95 -10.72 -8.94 -12.64
C ASN B 95 -9.57 -7.91 -12.59
N ALA B 96 -9.90 -6.65 -12.34
CA ALA B 96 -8.90 -5.59 -12.46
C ALA B 96 -8.72 -4.72 -11.21
N LEU B 97 -7.65 -3.95 -11.20
CA LEU B 97 -7.29 -3.09 -10.08
C LEU B 97 -6.49 -1.91 -10.58
N ILE B 98 -6.94 -0.69 -10.30
CA ILE B 98 -6.19 0.51 -10.66
C ILE B 98 -5.64 1.24 -9.43
N GLY B 99 -4.33 1.32 -9.34
CA GLY B 99 -3.72 1.99 -8.19
C GLY B 99 -3.03 3.29 -8.57
N TYR B 100 -2.95 4.21 -7.63
CA TYR B 100 -2.20 5.44 -7.82
C TYR B 100 -1.34 5.69 -6.62
N ASP B 101 -0.03 5.64 -6.83
CA ASP B 101 0.93 5.98 -5.79
C ASP B 101 1.54 7.37 -5.93
N VAL B 102 1.76 8.02 -4.79
CA VAL B 102 2.61 9.21 -4.73
C VAL B 102 3.86 8.87 -3.92
N ASN B 103 5.04 8.96 -4.54
CA ASN B 103 6.28 8.65 -3.86
C ASN B 103 7.13 9.88 -3.67
N VAL B 104 7.78 9.97 -2.53
CA VAL B 104 8.76 11.03 -2.26
C VAL B 104 10.03 10.31 -1.82
N ASP B 105 11.11 10.48 -2.57
CA ASP B 105 12.36 9.81 -2.24
C ASP B 105 13.19 10.62 -1.25
N SER B 106 14.37 10.13 -0.90
CA SER B 106 15.20 10.79 0.09
C SER B 106 15.75 12.16 -0.35
N LYS B 107 15.57 12.53 -1.60
CA LYS B 107 15.98 13.87 -2.02
C LYS B 107 14.74 14.76 -2.09
N GLY B 108 13.57 14.14 -2.02
CA GLY B 108 12.33 14.88 -2.00
C GLY B 108 11.75 15.10 -3.38
N LYS B 109 12.12 14.25 -4.34
CA LYS B 109 11.46 14.29 -5.62
C LYS B 109 10.07 13.64 -5.52
N ILE B 110 9.13 14.16 -6.30
CA ILE B 110 7.79 13.61 -6.37
C ILE B 110 7.67 12.66 -7.56
N THR B 111 7.44 11.37 -7.27
CA THR B 111 7.21 10.41 -8.34
C THR B 111 5.77 9.95 -8.31
N LYS B 112 5.02 10.25 -9.36
CA LYS B 112 3.66 9.74 -9.51
C LYS B 112 3.70 8.39 -10.23
N VAL B 113 2.95 7.39 -9.75
CA VAL B 113 2.96 6.07 -10.37
C VAL B 113 1.56 5.51 -10.49
N ALA B 114 1.15 5.19 -11.72
CA ALA B 114 -0.19 4.63 -11.91
C ALA B 114 -0.06 3.15 -12.28
N LEU B 115 -0.93 2.30 -11.73
CA LEU B 115 -0.86 0.87 -12.03
C LEU B 115 -2.20 0.23 -12.37
N LEU B 116 -2.17 -0.55 -13.44
CA LEU B 116 -3.26 -1.44 -13.78
C LEU B 116 -2.80 -2.83 -13.42
N MET B 117 -3.54 -3.46 -12.52
CA MET B 117 -3.21 -4.80 -12.06
C MET B 117 -4.35 -5.73 -12.42
N GLY B 118 -4.00 -6.92 -12.90
CA GLY B 118 -5.01 -7.89 -13.29
C GLY B 118 -5.06 -9.09 -12.38
N ARG B 119 -6.25 -9.67 -12.29
CA ARG B 119 -6.48 -10.97 -11.67
C ARG B 119 -6.46 -11.94 -12.85
N GLY B 120 -5.25 -12.35 -13.20
CA GLY B 120 -5.00 -12.99 -14.49
C GLY B 120 -4.49 -11.95 -15.46
N ALA B 121 -4.17 -12.36 -16.68
CA ALA B 121 -3.69 -11.44 -17.70
C ALA B 121 -4.66 -11.34 -18.88
N HIS B 122 -5.89 -11.80 -18.66
CA HIS B 122 -6.95 -11.75 -19.66
C HIS B 122 -7.67 -10.41 -19.57
N VAL B 123 -6.92 -9.36 -19.88
CA VAL B 123 -7.25 -7.96 -19.61
C VAL B 123 -8.42 -7.41 -20.42
N ASN B 124 -9.29 -6.65 -19.76
CA ASN B 124 -10.44 -6.05 -20.41
C ASN B 124 -10.13 -4.66 -20.98
N GLU B 125 -10.44 -4.46 -22.26
CA GLU B 125 -10.17 -3.19 -22.92
C GLU B 125 -10.74 -1.99 -22.17
N GLU B 126 -11.98 -2.09 -21.70
CA GLU B 126 -12.59 -1.01 -20.93
C GLU B 126 -11.63 -0.51 -19.85
N ASP B 127 -11.25 -1.43 -18.97
CA ASP B 127 -10.24 -1.19 -17.93
C ASP B 127 -9.03 -0.37 -18.43
N ILE B 128 -8.43 -0.81 -19.53
CA ILE B 128 -7.32 -0.05 -20.11
C ILE B 128 -7.64 1.44 -20.25
N ALA B 129 -8.82 1.76 -20.76
CA ALA B 129 -9.24 3.15 -20.91
C ALA B 129 -9.21 3.89 -19.57
N LYS B 130 -9.86 3.30 -18.56
CA LYS B 130 -9.93 3.89 -17.22
C LYS B 130 -8.52 4.15 -16.69
N PHE B 131 -7.60 3.25 -17.02
CA PHE B 131 -6.21 3.42 -16.62
C PHE B 131 -5.58 4.62 -17.31
N LYS B 132 -5.60 4.63 -18.64
CA LYS B 132 -5.04 5.74 -19.40
C LYS B 132 -5.69 7.06 -19.00
N LYS B 133 -7.00 7.01 -18.75
CA LYS B 133 -7.73 8.16 -18.27
C LYS B 133 -7.06 8.68 -16.99
N LEU B 134 -6.91 7.80 -16.00
CA LEU B 134 -6.29 8.18 -14.74
C LEU B 134 -4.91 8.74 -14.96
N SER B 135 -4.12 8.01 -15.74
CA SER B 135 -2.75 8.44 -16.03
C SER B 135 -2.76 9.88 -16.57
N ARG B 136 -3.64 10.13 -17.53
CA ARG B 136 -3.80 11.48 -18.06
C ARG B 136 -4.18 12.45 -16.95
N GLU B 137 -5.22 12.14 -16.18
CA GLU B 137 -5.69 13.06 -15.14
C GLU B 137 -4.56 13.52 -14.24
N LYS B 138 -3.69 12.59 -13.88
CA LYS B 138 -2.61 12.89 -12.94
C LYS B 138 -1.38 13.50 -13.64
N GLY B 139 -1.59 13.94 -14.88
CA GLY B 139 -0.56 14.66 -15.59
C GLY B 139 0.61 13.82 -16.07
N ILE B 140 0.39 12.52 -16.19
CA ILE B 140 1.42 11.65 -16.74
C ILE B 140 1.30 11.60 -18.25
N PRO B 141 2.42 11.75 -18.95
CA PRO B 141 2.50 11.72 -20.42
C PRO B 141 2.19 10.34 -20.94
N GLU B 142 1.40 10.24 -22.01
CA GLU B 142 1.00 8.94 -22.52
C GLU B 142 2.19 8.09 -22.93
N GLU B 143 3.32 8.72 -23.25
CA GLU B 143 4.50 7.99 -23.67
C GLU B 143 5.21 7.35 -22.49
N ASN B 144 4.82 7.77 -21.29
CA ASN B 144 5.40 7.19 -20.09
C ASN B 144 4.64 5.96 -19.61
N ILE B 145 3.78 5.42 -20.49
CA ILE B 145 3.05 4.19 -20.18
C ILE B 145 3.84 2.96 -20.63
N ILE B 146 3.96 1.97 -19.75
CA ILE B 146 4.71 0.75 -20.05
C ILE B 146 3.93 -0.52 -19.76
N TYR B 147 3.94 -1.46 -20.69
CA TYR B 147 3.24 -2.72 -20.50
C TYR B 147 4.20 -3.73 -19.90
N LEU B 148 3.83 -4.32 -18.77
CA LEU B 148 4.70 -5.25 -18.06
C LEU B 148 4.11 -6.64 -18.07
N GLY B 149 2.90 -6.74 -18.62
CA GLY B 149 2.21 -8.02 -18.74
C GLY B 149 2.98 -9.18 -19.35
N ASP B 150 3.97 -8.90 -20.19
CA ASP B 150 4.65 -9.96 -20.93
C ASP B 150 6.13 -10.08 -20.59
N THR B 151 6.57 -9.39 -19.55
CA THR B 151 7.97 -9.46 -19.14
C THR B 151 8.13 -9.97 -17.72
N ASP B 152 7.06 -10.57 -17.21
CA ASP B 152 7.08 -11.08 -15.85
C ASP B 152 7.74 -12.45 -15.80
N ASN B 153 9.07 -12.46 -15.76
CA ASN B 153 9.83 -13.71 -15.77
C ASN B 153 10.31 -14.09 -14.37
N CYS B 154 9.76 -13.44 -13.36
CA CYS B 154 10.15 -13.73 -11.98
C CYS B 154 9.35 -14.91 -11.43
N PRO B 155 9.86 -15.55 -10.36
CA PRO B 155 9.25 -16.76 -9.81
C PRO B 155 7.78 -16.59 -9.51
N ASN B 156 6.97 -17.58 -9.91
CA ASN B 156 5.54 -17.60 -9.59
C ASN B 156 4.64 -16.64 -10.38
N HIS B 157 4.86 -16.49 -11.68
CA HIS B 157 3.92 -15.71 -12.49
C HIS B 157 2.75 -16.57 -12.98
N THR C 9 24.77 25.67 11.13
CA THR C 9 24.26 26.53 10.03
C THR C 9 22.80 26.99 10.22
N GLN C 10 22.65 28.24 10.69
CA GLN C 10 21.47 28.68 11.42
C GLN C 10 20.51 29.73 10.87
N VAL C 11 19.23 29.40 11.02
CA VAL C 11 18.10 30.23 10.65
C VAL C 11 17.14 30.18 11.83
N SER C 12 17.64 29.73 13.00
CA SER C 12 16.86 29.81 14.22
C SER C 12 16.53 31.27 14.53
N GLY C 13 15.32 31.50 15.01
CA GLY C 13 14.91 32.84 15.34
C GLY C 13 13.62 33.27 14.67
N PRO C 14 13.32 34.57 14.75
CA PRO C 14 12.02 35.09 14.29
C PRO C 14 11.97 35.19 12.78
N TRP C 15 10.79 34.98 12.23
CA TRP C 15 10.57 35.11 10.80
C TRP C 15 9.17 35.63 10.57
N LYS C 16 8.99 36.33 9.46
CA LYS C 16 7.68 36.82 9.06
C LYS C 16 7.46 36.35 7.63
N THR C 17 6.22 35.98 7.30
CA THR C 17 5.93 35.49 5.96
C THR C 17 5.72 36.67 5.03
N LEU C 18 6.42 36.69 3.91
CA LEU C 18 6.25 37.73 2.92
C LEU C 18 5.45 37.24 1.72
N TYR C 19 5.94 36.21 1.06
CA TYR C 19 5.23 35.62 -0.06
C TYR C 19 5.07 34.11 0.06
N VAL C 20 3.97 33.61 -0.47
CA VAL C 20 3.77 32.17 -0.65
C VAL C 20 3.20 31.92 -2.04
N SER C 21 3.53 30.78 -2.61
CA SER C 21 2.90 30.37 -3.85
C SER C 21 2.63 28.89 -3.74
N SER C 22 1.77 28.41 -4.62
CA SER C 22 1.38 27.01 -4.60
C SER C 22 0.77 26.57 -5.91
N ASN C 23 0.92 25.29 -6.22
CA ASN C 23 0.24 24.73 -7.37
C ASN C 23 -1.27 24.62 -7.11
N ASN C 24 -1.67 24.75 -5.83
CA ASN C 24 -3.08 24.64 -5.46
C ASN C 24 -3.58 25.88 -4.74
N LEU C 25 -4.15 26.79 -5.51
CA LEU C 25 -4.60 28.06 -4.95
C LEU C 25 -5.41 27.95 -3.67
N ASP C 26 -6.25 26.92 -3.57
CA ASP C 26 -7.10 26.74 -2.40
C ASP C 26 -6.27 26.63 -1.11
N LYS C 27 -5.08 26.04 -1.23
CA LYS C 27 -4.23 25.72 -0.07
C LYS C 27 -3.66 26.94 0.63
N ILE C 28 -3.43 28.00 -0.12
CA ILE C 28 -2.87 29.21 0.42
C ILE C 28 -3.88 30.34 0.38
N GLY C 29 -5.09 30.03 -0.07
CA GLY C 29 -6.14 31.03 -0.13
C GLY C 29 -6.70 31.26 1.26
N GLU C 30 -7.77 32.05 1.36
CA GLU C 30 -8.40 32.27 2.66
C GLU C 30 -8.88 30.95 3.21
N ASN C 31 -8.50 30.67 4.45
CA ASN C 31 -8.84 29.42 5.10
C ASN C 31 -8.06 28.19 4.61
N GLY C 32 -7.06 28.41 3.76
CA GLY C 32 -6.13 27.38 3.35
C GLY C 32 -5.10 27.16 4.45
N PRO C 33 -4.67 25.91 4.63
CA PRO C 33 -3.77 25.56 5.75
C PRO C 33 -2.33 25.98 5.47
N PHE C 34 -2.05 26.39 4.25
CA PHE C 34 -0.74 26.91 3.95
C PHE C 34 -0.68 28.44 3.77
N ARG C 35 -1.78 29.11 4.11
CA ARG C 35 -1.75 30.55 4.33
C ARG C 35 -1.12 30.77 5.71
N ILE C 36 0.20 30.60 5.76
CA ILE C 36 0.98 30.55 6.98
C ILE C 36 1.62 31.89 7.34
N TYR C 37 1.40 32.32 8.56
CA TYR C 37 2.09 33.49 9.07
C TYR C 37 3.15 33.06 10.07
N LEU C 38 4.39 33.05 9.60
CA LEU C 38 5.49 32.70 10.46
C LEU C 38 5.66 33.62 11.65
N ARG C 39 6.03 33.01 12.77
CA ARG C 39 6.51 33.76 13.91
C ARG C 39 7.99 33.47 14.15
N GLY C 40 8.37 32.19 14.11
CA GLY C 40 9.77 31.85 14.25
C GLY C 40 10.11 30.38 14.06
N ILE C 41 11.40 30.11 13.96
CA ILE C 41 11.86 28.74 13.79
C ILE C 41 12.94 28.38 14.81
N ASN C 42 12.86 27.16 15.32
CA ASN C 42 13.83 26.67 16.29
C ASN C 42 14.53 25.44 15.77
N VAL C 43 15.85 25.49 15.70
CA VAL C 43 16.64 24.34 15.31
C VAL C 43 17.27 23.70 16.55
N ASP C 44 17.00 22.43 16.77
CA ASP C 44 17.62 21.66 17.84
C ASP C 44 18.56 20.64 17.19
N ILE C 45 19.73 21.08 16.79
CA ILE C 45 20.68 20.18 16.13
C ILE C 45 20.81 18.82 16.84
N PRO C 46 21.14 18.83 18.14
CA PRO C 46 21.28 17.57 18.87
C PRO C 46 20.09 16.63 18.70
N ARG C 47 18.89 17.18 18.81
CA ARG C 47 17.69 16.37 18.62
C ARG C 47 17.46 16.06 17.14
N LEU C 48 18.17 16.78 16.26
CA LEU C 48 17.93 16.73 14.82
C LEU C 48 16.47 17.06 14.58
N LYS C 49 16.04 18.10 15.26
CA LYS C 49 14.64 18.48 15.23
C LYS C 49 14.48 19.96 14.89
N MET C 50 13.38 20.29 14.24
CA MET C 50 13.02 21.69 14.00
C MET C 50 11.62 21.98 14.49
N LEU C 51 11.42 23.21 14.94
CA LEU C 51 10.10 23.63 15.39
C LEU C 51 9.66 24.88 14.64
N PHE C 52 8.56 24.76 13.92
CA PHE C 52 8.03 25.93 13.21
C PHE C 52 6.89 26.50 14.03
N ASN C 53 6.98 27.79 14.27
CA ASN C 53 5.95 28.48 15.00
C ASN C 53 5.28 29.49 14.08
N PHE C 54 3.96 29.43 13.97
CA PHE C 54 3.26 30.27 13.01
C PHE C 54 1.77 30.31 13.26
N TYR C 55 1.10 31.27 12.62
CA TYR C 55 -0.36 31.36 12.71
C TYR C 55 -1.02 31.04 11.38
N VAL C 56 -2.19 30.41 11.44
CA VAL C 56 -3.09 30.30 10.31
C VAL C 56 -4.41 30.86 10.81
N LYS C 57 -5.26 31.35 9.92
CA LYS C 57 -6.59 31.78 10.35
C LYS C 57 -7.55 30.62 10.13
N VAL C 58 -8.39 30.36 11.14
CA VAL C 58 -9.52 29.46 10.97
C VAL C 58 -10.80 30.28 11.12
N ASP C 59 -11.55 30.40 10.04
CA ASP C 59 -12.79 31.17 10.04
C ASP C 59 -12.59 32.54 10.67
N GLY C 60 -11.40 33.10 10.53
CA GLY C 60 -11.11 34.42 11.09
C GLY C 60 -10.32 34.40 12.38
N GLU C 61 -10.47 33.33 13.15
CA GLU C 61 -9.70 33.11 14.36
C GLU C 61 -8.22 32.84 14.06
N CYS C 62 -7.34 33.60 14.69
CA CYS C 62 -5.92 33.35 14.57
C CYS C 62 -5.52 32.14 15.44
N VAL C 63 -4.98 31.12 14.79
CA VAL C 63 -4.61 29.90 15.52
C VAL C 63 -3.12 29.68 15.45
N GLU C 64 -2.49 29.67 16.61
CA GLU C 64 -1.06 29.47 16.72
C GLU C 64 -0.71 27.99 16.55
N ASN C 65 0.38 27.73 15.82
CA ASN C 65 0.88 26.38 15.64
C ASN C 65 2.34 26.28 16.07
N SER C 66 2.70 25.11 16.60
CA SER C 66 4.09 24.76 16.84
C SER C 66 4.38 23.35 16.34
N VAL C 67 4.95 23.27 15.14
CA VAL C 67 5.06 21.99 14.46
C VAL C 67 6.48 21.44 14.49
N GLY C 68 6.58 20.20 14.95
CA GLY C 68 7.86 19.53 15.04
C GLY C 68 8.20 18.82 13.76
N ALA C 69 9.49 18.81 13.45
CA ALA C 69 9.99 18.18 12.25
C ALA C 69 11.36 17.60 12.54
N SER C 70 11.73 16.57 11.80
CA SER C 70 13.07 16.01 11.95
C SER C 70 13.94 16.47 10.83
N ILE C 71 15.16 16.86 11.19
CA ILE C 71 16.21 17.22 10.25
C ILE C 71 16.82 15.95 9.69
N GLY C 72 16.77 15.83 8.36
CA GLY C 72 17.19 14.64 7.67
C GLY C 72 18.56 14.74 7.04
N ARG C 73 18.94 13.71 6.30
CA ARG C 73 20.29 13.54 5.80
C ARG C 73 20.84 14.69 4.94
N ASP C 74 20.05 15.17 3.99
CA ASP C 74 20.45 16.29 3.14
C ASP C 74 19.99 17.60 3.74
N ASN C 75 19.55 17.53 4.99
CA ASN C 75 18.80 18.62 5.59
C ASN C 75 17.42 18.72 4.95
N LEU C 76 16.87 17.56 4.62
CA LEU C 76 15.50 17.45 4.20
C LEU C 76 14.72 17.40 5.49
N ILE C 77 13.65 18.18 5.58
CA ILE C 77 12.95 18.34 6.85
C ILE C 77 11.57 17.73 6.69
N LYS C 78 11.30 16.68 7.49
CA LYS C 78 10.08 15.89 7.37
C LYS C 78 9.27 16.08 8.63
N GLY C 79 7.93 16.05 8.51
CA GLY C 79 7.06 16.24 9.66
C GLY C 79 5.60 16.31 9.26
N GLU C 80 4.73 15.96 10.19
CA GLU C 80 3.31 15.98 9.90
C GLU C 80 2.67 17.34 10.16
N TYR C 81 1.84 17.76 9.22
CA TYR C 81 1.04 18.99 9.25
C TYR C 81 0.15 18.92 8.03
N ASN C 82 -1.16 18.92 8.24
CA ASN C 82 -2.15 18.69 7.19
C ASN C 82 -1.64 17.68 6.16
N GLY C 83 -1.26 16.51 6.68
CA GLY C 83 -0.59 15.47 5.90
C GLY C 83 0.91 15.46 6.16
N GLY C 84 1.64 14.85 5.24
CA GLY C 84 3.08 14.73 5.37
C GLY C 84 3.77 15.84 4.60
N ASN C 85 4.88 16.30 5.15
CA ASN C 85 5.60 17.41 4.55
C ASN C 85 7.05 17.06 4.38
N TYR C 86 7.56 17.40 3.21
CA TYR C 86 8.97 17.24 2.91
C TYR C 86 9.47 18.63 2.56
N PHE C 87 10.26 19.18 3.45
CA PHE C 87 10.57 20.60 3.42
C PHE C 87 12.08 20.86 3.22
N ARG C 88 12.40 21.87 2.43
CA ARG C 88 13.79 22.23 2.16
C ARG C 88 14.00 23.73 2.24
N ILE C 89 15.10 24.15 2.85
CA ILE C 89 15.47 25.56 2.78
C ILE C 89 16.18 25.71 1.46
N ILE C 90 15.59 26.49 0.56
CA ILE C 90 16.20 26.70 -0.73
C ILE C 90 17.33 27.70 -0.58
N ASP C 91 17.13 28.72 0.24
CA ASP C 91 18.14 29.76 0.41
C ASP C 91 17.94 30.53 1.71
N MET C 92 19.04 30.91 2.36
CA MET C 92 18.98 31.80 3.52
C MET C 92 20.07 32.86 3.56
N THR C 93 19.75 34.08 3.12
CA THR C 93 20.57 35.24 3.43
C THR C 93 20.32 35.62 4.91
N PRO C 94 20.93 36.71 5.39
CA PRO C 94 20.63 37.02 6.80
C PRO C 94 19.28 37.70 6.94
N ASN C 95 18.91 38.45 5.90
CA ASN C 95 17.67 39.19 5.87
C ASN C 95 16.44 38.32 5.51
N ALA C 96 16.70 37.22 4.80
CA ALA C 96 15.64 36.49 4.13
C ALA C 96 15.76 34.96 4.24
N LEU C 97 14.72 34.26 3.79
CA LEU C 97 14.63 32.82 3.88
C LEU C 97 13.67 32.27 2.84
N ILE C 98 14.18 31.40 1.98
CA ILE C 98 13.32 30.78 0.96
C ILE C 98 13.10 29.30 1.23
N GLY C 99 11.84 28.92 1.43
CA GLY C 99 11.50 27.55 1.74
C GLY C 99 10.71 26.91 0.62
N TYR C 100 10.84 25.59 0.51
CA TYR C 100 10.04 24.81 -0.42
C TYR C 100 9.50 23.56 0.26
N ASP C 101 8.18 23.49 0.35
CA ASP C 101 7.54 22.35 0.96
C ASP C 101 6.84 21.48 -0.08
N VAL C 102 6.87 20.18 0.14
CA VAL C 102 5.99 19.28 -0.59
C VAL C 102 5.01 18.64 0.40
N ASN C 103 3.73 18.83 0.16
CA ASN C 103 2.73 18.31 1.07
C ASN C 103 1.90 17.22 0.42
N VAL C 104 1.57 16.17 1.16
CA VAL C 104 0.55 15.25 0.67
C VAL C 104 -0.57 15.13 1.69
N ASP C 105 -1.77 15.59 1.34
CA ASP C 105 -2.88 15.59 2.31
C ASP C 105 -3.54 14.22 2.53
N SER C 106 -4.57 14.19 3.37
CA SER C 106 -5.28 12.95 3.69
C SER C 106 -5.95 12.33 2.45
N LYS C 107 -6.19 13.15 1.43
CA LYS C 107 -6.84 12.72 0.19
C LYS C 107 -5.84 12.36 -0.93
N GLY C 108 -4.57 12.19 -0.54
CA GLY C 108 -3.49 11.91 -1.49
C GLY C 108 -3.15 13.05 -2.46
N LYS C 109 -3.76 14.21 -2.25
CA LYS C 109 -3.48 15.38 -3.07
C LYS C 109 -2.09 15.94 -2.76
N ILE C 110 -1.35 16.26 -3.83
CA ILE C 110 -0.03 16.86 -3.75
C ILE C 110 -0.08 18.38 -3.76
N THR C 111 0.66 18.99 -2.87
CA THR C 111 0.66 20.44 -2.82
C THR C 111 2.08 20.93 -2.72
N LYS C 112 2.54 21.65 -3.73
CA LYS C 112 3.82 22.34 -3.68
C LYS C 112 3.63 23.73 -3.07
N VAL C 113 4.53 24.14 -2.18
CA VAL C 113 4.38 25.42 -1.52
C VAL C 113 5.74 26.10 -1.46
N ALA C 114 5.83 27.31 -2.00
CA ALA C 114 7.07 28.09 -1.93
C ALA C 114 6.90 29.28 -0.98
N LEU C 115 7.90 29.56 -0.18
CA LEU C 115 7.78 30.64 0.78
C LEU C 115 8.96 31.57 0.81
N LEU C 116 8.68 32.86 0.81
CA LEU C 116 9.69 33.86 1.10
C LEU C 116 9.38 34.39 2.48
N MET C 117 10.32 34.21 3.39
CA MET C 117 10.17 34.71 4.76
C MET C 117 11.22 35.77 5.04
N GLY C 118 10.81 36.82 5.75
CA GLY C 118 11.72 37.90 6.06
C GLY C 118 12.05 38.00 7.53
N ARG C 119 13.25 38.50 7.81
CA ARG C 119 13.68 38.89 9.14
C ARG C 119 13.42 40.38 9.15
N GLY C 120 12.15 40.74 9.31
CA GLY C 120 11.72 42.10 9.14
C GLY C 120 10.47 42.16 8.28
N ALA C 121 10.60 42.71 7.07
CA ALA C 121 9.49 42.90 6.14
C ALA C 121 9.98 43.54 4.84
N HIS C 122 11.22 43.99 4.88
CA HIS C 122 11.94 44.56 3.75
C HIS C 122 12.75 43.42 3.15
N VAL C 123 13.13 43.53 1.88
CA VAL C 123 13.80 42.43 1.21
C VAL C 123 14.54 42.85 -0.07
N ASN C 124 15.75 42.33 -0.26
CA ASN C 124 16.52 42.58 -1.49
C ASN C 124 15.61 42.36 -2.69
N GLU C 125 16.07 42.73 -3.87
CA GLU C 125 15.34 42.29 -5.04
C GLU C 125 15.97 41.00 -5.54
N GLU C 126 17.24 40.81 -5.18
CA GLU C 126 17.85 39.49 -5.35
C GLU C 126 16.94 38.51 -4.66
N ASP C 127 16.23 38.97 -3.62
CA ASP C 127 15.43 38.03 -2.88
C ASP C 127 14.12 37.69 -3.59
N ILE C 128 13.29 38.70 -3.85
CA ILE C 128 12.04 38.49 -4.59
C ILE C 128 12.27 37.70 -5.88
N ALA C 129 13.31 38.07 -6.62
CA ALA C 129 13.62 37.37 -7.86
C ALA C 129 13.89 35.88 -7.62
N LYS C 130 14.80 35.60 -6.68
CA LYS C 130 15.15 34.22 -6.33
C LYS C 130 13.90 33.41 -5.95
N PHE C 131 12.99 34.06 -5.25
CA PHE C 131 11.73 33.43 -4.92
C PHE C 131 10.94 33.09 -6.18
N LYS C 132 10.66 34.08 -7.01
CA LYS C 132 9.84 33.86 -8.21
C LYS C 132 10.50 32.83 -9.12
N LYS C 133 11.82 32.87 -9.14
CA LYS C 133 12.61 31.91 -9.88
C LYS C 133 12.28 30.50 -9.38
N LEU C 134 12.49 30.27 -8.09
CA LEU C 134 12.14 28.98 -7.48
C LEU C 134 10.71 28.57 -7.80
N SER C 135 9.77 29.48 -7.54
CA SER C 135 8.38 29.20 -7.80
C SER C 135 8.24 28.69 -9.24
N ARG C 136 8.83 29.42 -10.18
CA ARG C 136 8.79 29.02 -11.57
C ARG C 136 9.39 27.62 -11.75
N GLU C 137 10.60 27.42 -11.22
CA GLU C 137 11.30 26.13 -11.39
C GLU C 137 10.42 24.96 -10.99
N LYS C 138 9.69 25.12 -9.90
CA LYS C 138 8.88 24.03 -9.37
C LYS C 138 7.51 23.96 -10.03
N GLY C 139 7.36 24.65 -11.17
CA GLY C 139 6.15 24.55 -11.97
C GLY C 139 4.93 25.24 -11.40
N ILE C 140 5.14 26.21 -10.52
CA ILE C 140 4.04 27.00 -9.99
C ILE C 140 3.78 28.22 -10.87
N PRO C 141 2.52 28.42 -11.23
CA PRO C 141 2.07 29.54 -12.06
C PRO C 141 2.27 30.86 -11.35
N GLU C 142 2.77 31.85 -12.07
CA GLU C 142 3.08 33.12 -11.44
C GLU C 142 1.84 33.78 -10.79
N GLU C 143 0.66 33.44 -11.29
CA GLU C 143 -0.60 34.00 -10.76
C GLU C 143 -0.96 33.36 -9.40
N ASN C 144 -0.30 32.26 -9.07
CA ASN C 144 -0.50 31.60 -7.79
C ASN C 144 0.40 32.17 -6.69
N ILE C 145 1.01 33.32 -6.95
CA ILE C 145 1.85 34.00 -5.95
C ILE C 145 1.02 35.00 -5.15
N ILE C 146 1.13 34.93 -3.82
CA ILE C 146 0.36 35.77 -2.93
C ILE C 146 1.25 36.49 -1.93
N TYR C 147 1.01 37.79 -1.75
CA TYR C 147 1.77 38.57 -0.79
C TYR C 147 1.01 38.55 0.54
N LEU C 148 1.69 38.13 1.61
CA LEU C 148 1.05 38.06 2.93
C LEU C 148 1.64 39.07 3.91
N GLY C 149 2.64 39.80 3.43
CA GLY C 149 3.35 40.78 4.23
C GLY C 149 2.49 41.84 4.90
N ASP C 150 1.32 42.12 4.35
CA ASP C 150 0.50 43.22 4.83
C ASP C 150 -0.85 42.78 5.43
N THR C 151 -1.03 41.48 5.57
CA THR C 151 -2.26 40.94 6.16
C THR C 151 -1.99 40.17 7.45
N ASP C 152 -0.83 40.37 8.05
CA ASP C 152 -0.50 39.65 9.25
C ASP C 152 -1.07 40.37 10.47
N ASN C 153 -2.35 40.12 10.72
CA ASN C 153 -3.02 40.79 11.82
C ASN C 153 -3.09 39.91 13.06
N CYS C 154 -2.32 38.84 13.08
CA CYS C 154 -2.38 37.91 14.21
C CYS C 154 -1.44 38.37 15.30
N PRO C 155 -1.66 37.89 16.54
CA PRO C 155 -0.89 38.34 17.70
C PRO C 155 0.60 38.27 17.47
N ASN C 156 1.33 39.31 17.89
CA ASN C 156 2.80 39.35 17.81
C ASN C 156 3.39 39.48 16.39
N HIS C 157 2.75 40.26 15.54
CA HIS C 157 3.32 40.65 14.26
C HIS C 157 4.23 41.87 14.44
#